data_8FHM
#
_entry.id   8FHM
#
_cell.length_a   100.069
_cell.length_b   32.527
_cell.length_c   72.785
_cell.angle_alpha   90.000
_cell.angle_beta   90.480
_cell.angle_gamma   90.000
#
_symmetry.space_group_name_H-M   'C 1 2 1'
#
loop_
_entity.id
_entity.type
_entity.pdbx_description
1 polymer 'Ribonuclease pancreatic'
2 non-polymer "5'-O-[(S)-hydroxy{[(S)-hydroxy{[(R)-hydroxy{[(S)-hydroxy{[(R)-hydroxy(phosphonooxy)phosphoryl]oxy}phosphoryl]oxy}phosphoryl]oxy}phosphoryl]oxy}phosphoryl]uridine"
3 water water
#
_entity_poly.entity_id   1
_entity_poly.type   'polypeptide(L)'
_entity_poly.pdbx_seq_one_letter_code
;KETAAAKFERQHMDSSTSAASSSNYCNQMMKSRNLTKDRCKPVNTFVHESLADVQAVCSQKNVACKNGQTNCYQSYSTMS
ITDCRETGSSKYPNCAYKTTQANKHIIVACEGNPYVPVHFDASV
;
_entity_poly.pdbx_strand_id   A,B
#
loop_
_chem_comp.id
_chem_comp.type
_chem_comp.name
_chem_comp.formula
U6F RNA linking 5'-O-[(S)-hydroxy{[(S)-hydroxy{[(R)-hydroxy{[(S)-hydroxy{[(R)-hydroxy(phosphonooxy)phosphoryl]oxy}phosphoryl]oxy}phosphoryl]oxy}phosphoryl]oxy}phosphoryl]uridine 'C9 H18 N2 O24 P6'
#
# COMPACT_ATOMS: atom_id res chain seq x y z
N LYS A 1 11.39 -16.56 19.70
CA LYS A 1 11.64 -15.09 19.85
C LYS A 1 10.49 -14.29 19.25
N GLU A 2 10.58 -12.96 19.35
CA GLU A 2 9.58 -12.11 18.74
C GLU A 2 9.79 -12.11 17.23
N THR A 3 8.70 -12.31 16.48
CA THR A 3 8.83 -12.24 15.02
C THR A 3 9.07 -10.79 14.56
N ALA A 4 9.62 -10.66 13.34
CA ALA A 4 9.85 -9.33 12.81
C ALA A 4 8.53 -8.58 12.66
N ALA A 5 7.50 -9.29 12.20
CA ALA A 5 6.20 -8.66 11.99
C ALA A 5 5.60 -8.22 13.32
N ALA A 6 5.70 -9.07 14.35
CA ALA A 6 5.25 -8.68 15.70
C ALA A 6 6.07 -7.52 16.25
N LYS A 7 7.39 -7.53 16.05
CA LYS A 7 8.20 -6.39 16.48
C LYS A 7 7.73 -5.11 15.81
N PHE A 8 7.40 -5.19 14.52
CA PHE A 8 6.93 -4.01 13.80
C PHE A 8 5.64 -3.49 14.42
N GLU A 9 4.72 -4.39 14.76
CA GLU A 9 3.48 -3.94 15.41
C GLU A 9 3.76 -3.30 16.76
N ARG A 10 4.63 -3.91 17.55
CA ARG A 10 4.94 -3.34 18.88
C ARG A 10 5.63 -1.99 18.74
N GLN A 11 6.55 -1.85 17.79
CA GLN A 11 7.30 -0.61 17.72
C GLN A 11 6.56 0.48 16.98
N HIS A 12 5.65 0.13 16.05
CA HIS A 12 5.21 1.12 15.09
C HIS A 12 3.71 1.24 14.90
N MET A 13 2.91 0.36 15.50
CA MET A 13 1.47 0.45 15.30
C MET A 13 0.82 0.99 16.57
N ASP A 14 -0.05 2.01 16.40
CA ASP A 14 -0.91 2.48 17.46
C ASP A 14 -2.24 2.91 16.86
N SER A 15 -3.06 1.94 16.49
CA SER A 15 -4.37 2.28 15.95
C SER A 15 -5.36 2.71 17.02
N SER A 16 -4.99 2.68 18.31
CA SER A 16 -5.97 3.02 19.33
C SER A 16 -6.21 4.53 19.47
N THR A 17 -5.39 5.37 18.86
CA THR A 17 -5.48 6.82 18.96
C THR A 17 -5.44 7.39 17.54
N SER A 18 -6.25 8.42 17.28
CA SER A 18 -6.31 9.03 15.96
C SER A 18 -5.09 9.89 15.67
N ALA A 19 -4.43 10.39 16.71
CA ALA A 19 -3.26 11.25 16.59
C ALA A 19 -2.77 11.60 18.00
N ALA A 20 -1.49 11.90 18.10
CA ALA A 20 -0.93 12.40 19.35
C ALA A 20 -1.56 13.76 19.65
N SER A 21 -2.43 13.79 20.66
CA SER A 21 -2.84 15.06 21.21
C SER A 21 -1.89 15.48 22.32
N SER A 22 -1.42 14.47 23.07
CA SER A 22 -0.71 14.68 24.33
C SER A 22 0.76 14.92 24.03
N SER A 23 1.26 16.05 24.53
CA SER A 23 2.69 16.25 24.66
C SER A 23 3.38 15.07 25.31
N ASN A 24 2.67 14.30 26.14
CA ASN A 24 3.28 13.21 26.88
C ASN A 24 3.28 11.89 26.14
N TYR A 25 2.67 11.86 24.95
CA TYR A 25 2.37 10.60 24.27
C TYR A 25 3.62 9.79 24.07
N CYS A 26 4.67 10.42 23.55
CA CYS A 26 5.89 9.66 23.27
C CYS A 26 6.56 9.18 24.54
N ASN A 27 6.62 10.03 25.57
CA ASN A 27 7.23 9.60 26.83
C ASN A 27 6.58 8.32 27.30
N GLN A 28 5.26 8.25 27.22
CA GLN A 28 4.52 7.10 27.71
C GLN A 28 4.67 5.92 26.78
N MET A 29 4.55 6.16 25.47
CA MET A 29 4.49 5.08 24.49
C MET A 29 5.87 4.47 24.24
N MET A 30 6.91 5.30 24.13
CA MET A 30 8.29 4.76 24.05
C MET A 30 8.57 3.83 25.21
N LYS A 31 8.04 4.16 26.40
CA LYS A 31 8.26 3.31 27.57
C LYS A 31 7.42 2.04 27.52
N SER A 32 6.13 2.18 27.24
CA SER A 32 5.22 1.06 27.34
C SER A 32 5.43 0.04 26.23
N ARG A 33 6.00 0.44 25.08
CA ARG A 33 6.30 -0.48 24.00
C ARG A 33 7.73 -1.01 24.09
N ASN A 34 8.42 -0.74 25.20
CA ASN A 34 9.71 -1.33 25.53
C ASN A 34 10.83 -0.79 24.67
N LEU A 35 10.65 0.41 24.13
CA LEU A 35 11.66 1.05 23.33
C LEU A 35 12.68 1.79 24.15
N THR A 36 12.51 1.84 25.47
CA THR A 36 13.44 2.53 26.37
C THR A 36 14.03 1.59 27.41
N LYS A 37 13.98 0.28 27.17
CA LYS A 37 14.31 -0.67 28.22
C LYS A 37 15.80 -0.79 28.41
N ASP A 38 16.53 -0.91 27.31
CA ASP A 38 17.96 -1.12 27.35
C ASP A 38 18.74 0.10 26.92
N ARG A 39 18.04 1.14 26.47
CA ARG A 39 18.61 2.42 26.04
C ARG A 39 17.43 3.24 25.54
N CYS A 40 17.64 4.55 25.38
CA CYS A 40 16.61 5.41 24.80
C CYS A 40 16.69 5.26 23.27
N LYS A 41 15.75 4.53 22.68
CA LYS A 41 15.66 4.52 21.23
C LYS A 41 15.56 5.96 20.73
N PRO A 42 16.42 6.40 19.84
CA PRO A 42 16.48 7.84 19.55
C PRO A 42 15.33 8.37 18.68
N VAL A 43 14.85 7.62 17.70
CA VAL A 43 13.77 8.09 16.84
C VAL A 43 12.83 6.91 16.61
N ASN A 44 11.52 7.17 16.73
CA ASN A 44 10.54 6.12 16.47
C ASN A 44 9.20 6.70 16.04
N THR A 45 8.58 6.04 15.07
CA THR A 45 7.31 6.48 14.50
C THR A 45 6.20 5.49 14.81
N PHE A 46 5.05 6.01 15.29
CA PHE A 46 3.84 5.24 15.49
C PHE A 46 2.83 5.66 14.43
N VAL A 47 2.11 4.67 13.88
CA VAL A 47 1.17 4.88 12.78
C VAL A 47 -0.24 4.67 13.32
N HIS A 48 -1.09 5.66 13.15
CA HIS A 48 -2.48 5.57 13.64
C HIS A 48 -3.42 5.21 12.51
N GLU A 49 -3.31 3.97 12.05
CA GLU A 49 -4.20 3.44 11.05
C GLU A 49 -4.44 1.98 11.40
N SER A 50 -5.42 1.36 10.76
CA SER A 50 -5.65 -0.05 11.04
C SER A 50 -4.46 -0.88 10.58
N LEU A 51 -4.26 -2.01 11.24
CA LEU A 51 -3.23 -2.93 10.80
C LEU A 51 -3.44 -3.37 9.34
N ALA A 52 -4.69 -3.58 8.93
CA ALA A 52 -4.94 -3.92 7.53
C ALA A 52 -4.46 -2.81 6.60
N ASP A 53 -4.75 -1.57 6.94
CA ASP A 53 -4.28 -0.46 6.09
C ASP A 53 -2.76 -0.43 5.99
N VAL A 54 -2.05 -0.68 7.09
CA VAL A 54 -0.60 -0.62 7.02
C VAL A 54 -0.05 -1.86 6.30
N GLN A 55 -0.60 -3.03 6.58
CA GLN A 55 -0.17 -4.21 5.83
C GLN A 55 -0.38 -4.04 4.32
N ALA A 56 -1.45 -3.36 3.92
CA ALA A 56 -1.73 -3.17 2.52
C ALA A 56 -0.63 -2.37 1.80
N VAL A 57 0.10 -1.54 2.56
CA VAL A 57 1.17 -0.76 1.96
C VAL A 57 2.20 -1.68 1.30
N CYS A 58 2.22 -2.95 1.69
CA CYS A 58 3.18 -3.88 1.10
C CYS A 58 2.84 -4.21 -0.33
N SER A 59 1.68 -3.77 -0.84
CA SER A 59 1.33 -3.94 -2.24
C SER A 59 1.19 -2.60 -2.97
N GLN A 60 1.68 -1.52 -2.37
CA GLN A 60 1.59 -0.19 -2.93
C GLN A 60 2.91 0.18 -3.62
N LYS A 61 3.37 1.41 -3.48
CA LYS A 61 4.42 1.91 -4.38
C LYS A 61 5.78 1.39 -3.99
N ASN A 62 6.43 0.59 -4.85
CA ASN A 62 7.73 0.04 -4.56
C ASN A 62 8.80 1.11 -4.70
N VAL A 63 9.57 1.33 -3.64
CA VAL A 63 10.63 2.32 -3.62
C VAL A 63 11.86 1.71 -2.97
N ALA A 64 13.01 2.33 -3.23
CA ALA A 64 14.22 1.92 -2.54
C ALA A 64 14.19 2.23 -1.06
N CYS A 65 14.70 1.30 -0.27
CA CYS A 65 14.96 1.50 1.13
C CYS A 65 16.20 2.34 1.32
N LYS A 66 16.25 3.03 2.47
CA LYS A 66 17.41 3.86 2.79
C LYS A 66 18.72 3.07 2.78
N ASN A 67 18.68 1.80 3.16
CA ASN A 67 19.91 0.99 3.14
C ASN A 67 20.20 0.37 1.78
N GLY A 68 19.43 0.71 0.75
CA GLY A 68 19.65 0.20 -0.58
C GLY A 68 18.95 -1.10 -0.91
N GLN A 69 18.34 -1.77 0.07
CA GLN A 69 17.46 -2.87 -0.28
C GLN A 69 16.29 -2.35 -1.09
N THR A 70 15.66 -3.25 -1.84
CA THR A 70 14.65 -2.85 -2.80
C THR A 70 13.23 -3.13 -2.33
N ASN A 71 13.05 -3.63 -1.12
CA ASN A 71 11.76 -4.13 -0.65
C ASN A 71 11.03 -3.13 0.23
N CYS A 72 11.11 -1.84 -0.12
CA CYS A 72 10.35 -0.84 0.60
C CYS A 72 9.16 -0.40 -0.23
N TYR A 73 8.12 0.05 0.49
CA TYR A 73 6.85 0.42 -0.12
C TYR A 73 6.32 1.66 0.53
N GLN A 74 5.85 2.58 -0.32
CA GLN A 74 5.37 3.88 0.11
C GLN A 74 3.85 3.97 -0.03
N SER A 75 3.18 4.45 1.02
CA SER A 75 1.73 4.44 1.02
C SER A 75 1.21 5.41 -0.02
N TYR A 76 0.16 5.01 -0.75
CA TYR A 76 -0.42 5.91 -1.75
C TYR A 76 -1.11 7.10 -1.07
N SER A 77 -1.71 6.85 0.07
CA SER A 77 -2.36 7.89 0.86
C SER A 77 -1.47 8.33 2.02
N THR A 78 -1.66 9.59 2.45
CA THR A 78 -1.04 9.99 3.70
C THR A 78 -1.70 9.21 4.84
N MET A 79 -0.94 8.99 5.90
CA MET A 79 -1.52 8.42 7.10
C MET A 79 -1.16 9.26 8.31
N SER A 80 -2.01 9.16 9.32
CA SER A 80 -1.72 9.84 10.58
C SER A 80 -0.60 9.10 11.30
N ILE A 81 0.45 9.84 11.67
CA ILE A 81 1.60 9.30 12.39
C ILE A 81 2.01 10.23 13.51
N THR A 82 2.81 9.67 14.43
CA THR A 82 3.47 10.43 15.48
C THR A 82 4.94 10.05 15.45
N ASP A 83 5.82 11.05 15.29
CA ASP A 83 7.25 10.85 15.45
C ASP A 83 7.65 11.15 16.89
N CYS A 84 8.39 10.25 17.52
CA CYS A 84 8.96 10.46 18.84
C CYS A 84 10.46 10.64 18.69
N ARG A 85 10.99 11.78 19.16
CA ARG A 85 12.40 12.08 19.00
C ARG A 85 13.00 12.46 20.34
N GLU A 86 14.08 11.77 20.71
CA GLU A 86 14.65 11.92 22.04
C GLU A 86 15.23 13.32 22.18
N THR A 87 15.06 13.89 23.38
CA THR A 87 15.58 15.22 23.68
C THR A 87 17.06 15.13 24.03
N GLY A 88 17.70 16.31 24.03
CA GLY A 88 19.08 16.38 24.46
C GLY A 88 19.27 16.29 25.96
N SER A 89 18.24 16.64 26.72
CA SER A 89 18.26 16.49 28.17
C SER A 89 18.01 15.05 28.60
N SER A 90 17.46 14.23 27.70
CA SER A 90 17.09 12.87 28.04
C SER A 90 18.33 12.07 28.41
N LYS A 91 18.27 11.39 29.55
CA LYS A 91 19.34 10.51 29.99
C LYS A 91 18.76 9.19 30.48
N TYR A 92 19.09 8.12 29.80
CA TYR A 92 18.67 6.79 30.20
C TYR A 92 18.94 6.60 31.70
N PRO A 93 18.02 5.98 32.46
CA PRO A 93 16.76 5.34 32.03
C PRO A 93 15.58 6.28 31.94
N ASN A 94 15.75 7.58 32.20
CA ASN A 94 14.64 8.51 32.14
C ASN A 94 14.59 9.15 30.75
N CYS A 95 14.23 8.33 29.78
CA CYS A 95 14.16 8.78 28.39
C CYS A 95 13.04 9.77 28.19
N ALA A 96 13.34 10.86 27.46
CA ALA A 96 12.41 11.95 27.20
C ALA A 96 12.36 12.24 25.71
N TYR A 97 11.15 12.56 25.24
CA TYR A 97 10.85 12.62 23.82
C TYR A 97 9.97 13.82 23.51
N LYS A 98 10.19 14.39 22.33
CA LYS A 98 9.26 15.32 21.72
C LYS A 98 8.26 14.55 20.86
N THR A 99 6.97 14.87 21.03
CA THR A 99 5.88 14.23 20.32
C THR A 99 5.42 15.10 19.13
N THR A 100 5.68 14.64 17.91
CA THR A 100 5.32 15.38 16.70
C THR A 100 4.35 14.57 15.86
N GLN A 101 3.15 15.12 15.68
CA GLN A 101 2.06 14.57 14.90
C GLN A 101 2.07 15.12 13.48
N ALA A 102 1.79 14.28 12.51
CA ALA A 102 1.75 14.73 11.13
C ALA A 102 0.92 13.75 10.32
N ASN A 103 0.57 14.16 9.09
CA ASN A 103 -0.02 13.23 8.14
C ASN A 103 0.91 13.14 6.95
N LYS A 104 1.48 11.95 6.76
CA LYS A 104 2.48 11.77 5.75
C LYS A 104 2.37 10.39 5.15
N HIS A 105 3.01 10.23 4.01
CA HIS A 105 3.11 8.91 3.40
C HIS A 105 4.14 8.12 4.16
N ILE A 106 3.85 6.86 4.47
CA ILE A 106 4.83 6.09 5.21
C ILE A 106 5.57 5.21 4.22
N ILE A 107 6.81 4.84 4.56
CA ILE A 107 7.59 3.87 3.80
C ILE A 107 8.03 2.75 4.74
N VAL A 108 7.64 1.52 4.38
CA VAL A 108 7.97 0.35 5.20
C VAL A 108 8.65 -0.67 4.31
N ALA A 109 9.45 -1.53 4.93
CA ALA A 109 10.04 -2.69 4.26
C ALA A 109 9.17 -3.89 4.60
N CYS A 110 8.93 -4.74 3.59
CA CYS A 110 8.10 -5.91 3.76
C CYS A 110 8.89 -7.16 3.40
N GLU A 111 8.60 -8.22 4.13
CA GLU A 111 9.27 -9.51 3.94
C GLU A 111 8.24 -10.59 4.28
N GLY A 112 8.49 -11.78 3.74
CA GLY A 112 7.86 -12.97 4.28
C GLY A 112 6.73 -13.49 3.42
N ASN A 113 6.21 -14.62 3.89
CA ASN A 113 5.01 -15.26 3.37
C ASN A 113 4.12 -15.60 4.56
N PRO A 114 3.08 -14.81 4.84
CA PRO A 114 2.60 -13.62 4.12
C PRO A 114 3.60 -12.44 4.11
N TYR A 115 3.45 -11.59 3.11
CA TYR A 115 4.28 -10.41 2.85
C TYR A 115 3.78 -9.24 3.69
N VAL A 116 4.49 -8.93 4.77
CA VAL A 116 3.99 -8.01 5.77
C VAL A 116 5.10 -7.04 6.14
N PRO A 117 4.75 -5.92 6.77
CA PRO A 117 5.78 -4.95 7.17
C PRO A 117 6.66 -5.52 8.27
N VAL A 118 7.97 -5.35 8.10
CA VAL A 118 8.94 -5.74 9.11
C VAL A 118 9.84 -4.59 9.54
N HIS A 119 9.71 -3.40 8.95
CA HIS A 119 10.60 -2.30 9.31
C HIS A 119 10.00 -0.99 8.85
N PHE A 120 10.11 0.04 9.68
CA PHE A 120 9.65 1.38 9.30
C PHE A 120 10.85 2.14 8.75
N ASP A 121 10.80 2.53 7.47
CA ASP A 121 11.97 3.15 6.86
C ASP A 121 11.91 4.66 6.92
N ALA A 122 10.76 5.25 6.69
CA ALA A 122 10.73 6.70 6.57
C ALA A 122 9.31 7.18 6.43
N SER A 123 9.14 8.49 6.57
CA SER A 123 7.90 9.12 6.16
C SER A 123 8.24 10.27 5.23
N VAL A 124 7.33 10.53 4.32
CA VAL A 124 7.56 11.54 3.32
C VAL A 124 6.32 12.36 3.01
N LYS B 1 3.77 13.76 -11.17
CA LYS B 1 4.16 13.29 -12.53
C LYS B 1 4.32 11.76 -12.53
N GLU B 2 3.41 11.10 -11.82
CA GLU B 2 3.39 9.64 -11.81
C GLU B 2 3.55 9.08 -13.21
N THR B 3 4.46 8.13 -13.35
CA THR B 3 4.62 7.50 -14.64
C THR B 3 3.41 6.61 -14.95
N ALA B 4 3.19 6.35 -16.24
CA ALA B 4 2.08 5.47 -16.62
C ALA B 4 2.25 4.07 -16.02
N ALA B 5 3.48 3.57 -15.96
CA ALA B 5 3.68 2.25 -15.35
C ALA B 5 3.30 2.27 -13.88
N ALA B 6 3.68 3.33 -13.18
CA ALA B 6 3.38 3.38 -11.76
C ALA B 6 1.87 3.53 -11.54
N LYS B 7 1.21 4.34 -12.36
CA LYS B 7 -0.24 4.46 -12.28
C LYS B 7 -0.93 3.12 -12.51
N PHE B 8 -0.45 2.34 -13.48
CA PHE B 8 -1.01 1.02 -13.71
C PHE B 8 -0.89 0.17 -12.45
N GLU B 9 0.26 0.23 -11.78
CA GLU B 9 0.43 -0.57 -10.57
C GLU B 9 -0.49 -0.09 -9.46
N ARG B 10 -0.68 1.21 -9.36
CA ARG B 10 -1.56 1.73 -8.31
C ARG B 10 -2.99 1.34 -8.59
N GLN B 11 -3.43 1.54 -9.84
CA GLN B 11 -4.83 1.30 -10.15
C GLN B 11 -5.14 -0.18 -10.28
N HIS B 12 -4.18 -1.01 -10.71
CA HIS B 12 -4.58 -2.33 -11.17
C HIS B 12 -3.86 -3.53 -10.57
N MET B 13 -2.86 -3.34 -9.73
CA MET B 13 -2.18 -4.51 -9.18
C MET B 13 -2.55 -4.62 -7.69
N ASP B 14 -2.90 -5.82 -7.27
CA ASP B 14 -3.03 -6.14 -5.84
C ASP B 14 -2.48 -7.54 -5.63
N SER B 15 -1.16 -7.63 -5.55
CA SER B 15 -0.49 -8.91 -5.39
C SER B 15 -0.54 -9.44 -3.96
N SER B 16 -1.28 -8.82 -3.08
CA SER B 16 -1.23 -9.19 -1.67
C SER B 16 -2.26 -10.25 -1.28
N THR B 17 -3.28 -10.45 -2.12
CA THR B 17 -4.32 -11.44 -1.87
C THR B 17 -4.50 -12.27 -3.14
N SER B 18 -4.92 -13.52 -2.96
CA SER B 18 -5.13 -14.39 -4.10
C SER B 18 -6.45 -14.11 -4.82
N ALA B 19 -7.40 -13.45 -4.14
CA ALA B 19 -8.74 -13.19 -4.68
C ALA B 19 -9.45 -12.24 -3.74
N ALA B 20 -10.55 -11.65 -4.23
CA ALA B 20 -11.37 -10.83 -3.35
C ALA B 20 -12.04 -11.75 -2.33
N SER B 21 -11.79 -11.48 -1.05
CA SER B 21 -12.32 -12.34 0.00
C SER B 21 -13.75 -11.95 0.41
N SER B 22 -14.08 -10.67 0.31
CA SER B 22 -15.32 -10.12 0.87
C SER B 22 -16.03 -9.28 -0.17
N SER B 23 -17.27 -8.91 0.17
CA SER B 23 -18.05 -7.99 -0.62
C SER B 23 -17.60 -6.54 -0.47
N ASN B 24 -16.83 -6.25 0.58
CA ASN B 24 -16.32 -4.92 0.84
C ASN B 24 -14.94 -4.67 0.22
N TYR B 25 -14.39 -5.66 -0.47
CA TYR B 25 -13.05 -5.51 -1.05
C TYR B 25 -12.94 -4.25 -1.87
N CYS B 26 -13.85 -4.06 -2.82
CA CYS B 26 -13.73 -2.92 -3.73
C CYS B 26 -13.89 -1.60 -3.00
N ASN B 27 -14.86 -1.52 -2.10
CA ASN B 27 -15.00 -0.32 -1.29
C ASN B 27 -13.69 0.07 -0.65
N GLN B 28 -13.01 -0.91 -0.05
CA GLN B 28 -11.77 -0.64 0.64
C GLN B 28 -10.66 -0.33 -0.35
N MET B 29 -10.60 -1.11 -1.43
CA MET B 29 -9.45 -0.94 -2.34
C MET B 29 -9.58 0.34 -3.16
N MET B 30 -10.78 0.66 -3.65
CA MET B 30 -10.89 1.86 -4.48
C MET B 30 -10.51 3.10 -3.65
N LYS B 31 -10.83 3.08 -2.36
CA LYS B 31 -10.38 4.13 -1.43
C LYS B 31 -8.86 4.16 -1.26
N SER B 32 -8.27 3.03 -0.90
CA SER B 32 -6.84 3.04 -0.57
C SER B 32 -5.93 3.28 -1.77
N ARG B 33 -6.41 3.08 -3.00
CA ARG B 33 -5.63 3.40 -4.18
C ARG B 33 -5.95 4.77 -4.73
N ASN B 34 -6.70 5.57 -3.97
CA ASN B 34 -7.00 6.96 -4.30
C ASN B 34 -7.88 7.09 -5.54
N LEU B 35 -8.72 6.09 -5.81
CA LEU B 35 -9.66 6.13 -6.94
C LEU B 35 -11.04 6.66 -6.54
N THR B 36 -11.16 7.27 -5.36
CA THR B 36 -12.39 7.95 -4.94
C THR B 36 -12.10 9.35 -4.41
N LYS B 37 -10.88 9.85 -4.66
CA LYS B 37 -10.46 11.12 -4.08
C LYS B 37 -11.38 12.25 -4.52
N ASP B 38 -11.41 12.54 -5.82
CA ASP B 38 -12.17 13.67 -6.34
C ASP B 38 -13.53 13.27 -6.90
N ARG B 39 -13.66 12.02 -7.30
CA ARG B 39 -14.84 11.48 -7.97
C ARG B 39 -14.78 9.99 -7.73
N CYS B 40 -15.92 9.31 -7.88
CA CYS B 40 -15.90 7.85 -7.83
C CYS B 40 -15.48 7.33 -9.20
N LYS B 41 -14.30 6.75 -9.30
CA LYS B 41 -13.93 6.04 -10.54
C LYS B 41 -14.96 4.92 -10.79
N PRO B 42 -15.67 4.90 -11.92
CA PRO B 42 -16.82 3.99 -12.00
C PRO B 42 -16.44 2.54 -12.12
N VAL B 43 -15.37 2.23 -12.85
CA VAL B 43 -15.04 0.85 -13.21
C VAL B 43 -13.54 0.67 -13.05
N ASN B 44 -13.15 -0.41 -12.40
CA ASN B 44 -11.71 -0.62 -12.20
C ASN B 44 -11.46 -2.08 -11.87
N THR B 45 -10.41 -2.63 -12.45
CA THR B 45 -10.06 -4.03 -12.24
C THR B 45 -8.74 -4.14 -11.50
N PHE B 46 -8.70 -5.02 -10.50
CA PHE B 46 -7.46 -5.38 -9.80
C PHE B 46 -7.04 -6.80 -10.16
N VAL B 47 -5.74 -6.98 -10.40
CA VAL B 47 -5.17 -8.26 -10.81
C VAL B 47 -4.42 -8.87 -9.62
N HIS B 48 -4.78 -10.11 -9.28
CA HIS B 48 -4.15 -10.80 -8.14
C HIS B 48 -3.13 -11.80 -8.66
N GLU B 49 -2.01 -11.28 -9.14
CA GLU B 49 -0.89 -12.07 -9.62
C GLU B 49 0.35 -11.27 -9.27
N SER B 50 1.50 -11.94 -9.33
CA SER B 50 2.75 -11.23 -9.13
C SER B 50 2.95 -10.17 -10.19
N LEU B 51 3.71 -9.13 -9.85
CA LEU B 51 4.02 -8.12 -10.86
C LEU B 51 4.79 -8.74 -12.02
N ALA B 52 5.71 -9.67 -11.72
CA ALA B 52 6.44 -10.34 -12.79
C ALA B 52 5.50 -11.07 -13.77
N ASP B 53 4.50 -11.77 -13.26
CA ASP B 53 3.57 -12.47 -14.15
C ASP B 53 2.78 -11.48 -15.00
N VAL B 54 2.39 -10.35 -14.44
CA VAL B 54 1.61 -9.40 -15.22
C VAL B 54 2.49 -8.71 -16.26
N GLN B 55 3.71 -8.30 -15.87
CA GLN B 55 4.60 -7.70 -16.83
C GLN B 55 4.93 -8.65 -17.97
N ALA B 56 4.97 -9.95 -17.67
CA ALA B 56 5.24 -10.93 -18.71
C ALA B 56 4.16 -10.94 -19.80
N VAL B 57 2.97 -10.45 -19.50
CA VAL B 57 1.93 -10.39 -20.53
C VAL B 57 2.39 -9.57 -21.72
N CYS B 58 3.31 -8.64 -21.51
CA CYS B 58 3.79 -7.82 -22.62
C CYS B 58 4.61 -8.60 -23.62
N SER B 59 4.91 -9.87 -23.33
CA SER B 59 5.55 -10.79 -24.27
C SER B 59 4.63 -11.93 -24.72
N GLN B 60 3.31 -11.77 -24.58
CA GLN B 60 2.37 -12.83 -24.88
C GLN B 60 1.54 -12.44 -26.13
N LYS B 61 0.22 -12.58 -26.12
CA LYS B 61 -0.52 -12.52 -27.39
C LYS B 61 -0.76 -11.07 -27.78
N ASN B 62 -0.10 -10.62 -28.84
CA ASN B 62 -0.30 -9.24 -29.32
C ASN B 62 -1.69 -9.12 -29.95
N VAL B 63 -2.41 -8.07 -29.56
CA VAL B 63 -3.76 -7.78 -30.01
C VAL B 63 -3.93 -6.27 -30.14
N ALA B 64 -4.98 -5.88 -30.85
CA ALA B 64 -5.27 -4.46 -30.91
C ALA B 64 -5.88 -4.00 -29.60
N CYS B 65 -5.63 -2.74 -29.27
CA CYS B 65 -6.29 -2.08 -28.15
C CYS B 65 -7.66 -1.53 -28.58
N LYS B 66 -8.50 -1.20 -27.60
CA LYS B 66 -9.79 -0.57 -27.95
C LYS B 66 -9.59 0.67 -28.83
N ASN B 67 -8.56 1.46 -28.55
CA ASN B 67 -8.33 2.69 -29.31
C ASN B 67 -7.68 2.45 -30.66
N GLY B 68 -7.47 1.20 -31.03
CA GLY B 68 -6.96 0.88 -32.35
C GLY B 68 -5.46 0.84 -32.45
N GLN B 69 -4.74 1.21 -31.40
CA GLN B 69 -3.32 0.96 -31.36
C GLN B 69 -3.09 -0.54 -31.26
N THR B 70 -1.88 -0.97 -31.60
CA THR B 70 -1.60 -2.40 -31.60
C THR B 70 -0.46 -2.76 -30.65
N ASN B 71 -0.33 -2.03 -29.53
CA ASN B 71 0.58 -2.36 -28.46
C ASN B 71 -0.14 -3.01 -27.27
N CYS B 72 -1.25 -3.71 -27.53
CA CYS B 72 -1.94 -4.46 -26.49
C CYS B 72 -1.56 -5.94 -26.57
N TYR B 73 -1.69 -6.59 -25.43
CA TYR B 73 -1.33 -7.98 -25.24
C TYR B 73 -2.37 -8.64 -24.36
N GLN B 74 -2.82 -9.82 -24.80
CA GLN B 74 -3.67 -10.69 -24.02
C GLN B 74 -2.86 -11.74 -23.29
N SER B 75 -3.18 -11.94 -22.01
CA SER B 75 -2.49 -12.97 -21.24
C SER B 75 -2.85 -14.34 -21.79
N TYR B 76 -1.85 -15.18 -22.00
CA TYR B 76 -2.14 -16.53 -22.43
C TYR B 76 -3.01 -17.24 -21.39
N SER B 77 -2.67 -17.10 -20.13
CA SER B 77 -3.36 -17.80 -19.06
C SER B 77 -4.47 -16.93 -18.48
N THR B 78 -5.46 -17.57 -17.87
CA THR B 78 -6.35 -16.78 -17.02
C THR B 78 -5.61 -16.32 -15.79
N MET B 79 -6.05 -15.20 -15.24
CA MET B 79 -5.55 -14.72 -13.97
C MET B 79 -6.68 -14.39 -13.02
N SER B 80 -6.35 -14.38 -11.74
CA SER B 80 -7.30 -13.98 -10.69
C SER B 80 -7.47 -12.47 -10.73
N ILE B 81 -8.70 -12.02 -10.95
CA ILE B 81 -9.01 -10.60 -11.00
C ILE B 81 -10.25 -10.30 -10.17
N THR B 82 -10.33 -9.05 -9.74
CA THR B 82 -11.54 -8.52 -9.13
C THR B 82 -11.98 -7.32 -9.95
N ASP B 83 -13.20 -7.36 -10.46
CA ASP B 83 -13.80 -6.22 -11.14
C ASP B 83 -14.55 -5.39 -10.12
N CYS B 84 -14.21 -4.12 -10.00
CA CYS B 84 -14.97 -3.20 -9.17
C CYS B 84 -15.83 -2.32 -10.06
N ARG B 85 -17.11 -2.23 -9.73
CA ARG B 85 -18.02 -1.37 -10.49
C ARG B 85 -18.93 -0.62 -9.54
N GLU B 86 -19.02 0.68 -9.75
CA GLU B 86 -19.89 1.50 -8.95
C GLU B 86 -21.34 1.02 -9.00
N THR B 87 -21.98 1.02 -7.84
CA THR B 87 -23.41 0.76 -7.79
C THR B 87 -24.18 1.90 -8.44
N GLY B 88 -25.41 1.61 -8.85
CA GLY B 88 -26.26 2.65 -9.40
C GLY B 88 -26.62 3.72 -8.40
N SER B 89 -26.58 3.40 -7.10
CA SER B 89 -26.89 4.35 -6.05
C SER B 89 -25.69 5.16 -5.62
N SER B 90 -24.49 4.76 -6.03
CA SER B 90 -23.28 5.39 -5.51
C SER B 90 -23.26 6.87 -5.86
N LYS B 91 -23.05 7.70 -4.86
CA LYS B 91 -22.82 9.12 -5.03
C LYS B 91 -21.57 9.56 -4.28
N TYR B 92 -20.69 10.26 -4.98
CA TYR B 92 -19.58 10.93 -4.31
C TYR B 92 -20.12 11.94 -3.30
N PRO B 93 -19.51 12.08 -2.10
CA PRO B 93 -18.25 11.51 -1.64
C PRO B 93 -18.41 10.19 -0.91
N ASN B 94 -19.55 9.52 -1.06
CA ASN B 94 -19.75 8.20 -0.48
C ASN B 94 -19.82 7.20 -1.63
N CYS B 95 -18.64 6.88 -2.19
CA CYS B 95 -18.58 5.97 -3.32
C CYS B 95 -18.82 4.55 -2.85
N ALA B 96 -19.59 3.78 -3.63
CA ALA B 96 -19.94 2.41 -3.29
C ALA B 96 -19.75 1.53 -4.51
N TYR B 97 -19.19 0.35 -4.29
CA TYR B 97 -18.84 -0.58 -5.35
C TYR B 97 -19.38 -1.97 -5.08
N LYS B 98 -19.67 -2.67 -6.15
CA LYS B 98 -19.90 -4.10 -6.13
C LYS B 98 -18.61 -4.81 -6.53
N THR B 99 -18.34 -5.91 -5.86
CA THR B 99 -17.08 -6.65 -6.00
C THR B 99 -17.38 -7.95 -6.71
N THR B 100 -16.68 -8.22 -7.81
CA THR B 100 -16.86 -9.45 -8.58
C THR B 100 -15.51 -10.11 -8.81
N GLN B 101 -15.33 -11.28 -8.20
CA GLN B 101 -14.10 -12.07 -8.31
C GLN B 101 -14.25 -13.01 -9.48
N ALA B 102 -13.22 -13.07 -10.34
CA ALA B 102 -13.27 -13.99 -11.47
C ALA B 102 -11.86 -14.41 -11.85
N ASN B 103 -11.79 -15.48 -12.66
CA ASN B 103 -10.56 -15.87 -13.36
C ASN B 103 -10.72 -15.59 -14.85
N LYS B 104 -9.97 -14.63 -15.37
CA LYS B 104 -10.12 -14.25 -16.77
C LYS B 104 -8.75 -13.86 -17.32
N HIS B 105 -8.64 -13.87 -18.64
CA HIS B 105 -7.46 -13.34 -19.32
C HIS B 105 -7.52 -11.82 -19.21
N ILE B 106 -6.37 -11.18 -19.12
CA ILE B 106 -6.35 -9.71 -19.07
C ILE B 106 -5.75 -9.22 -20.39
N ILE B 107 -6.15 -8.01 -20.80
CA ILE B 107 -5.56 -7.31 -21.94
C ILE B 107 -5.00 -5.98 -21.44
N VAL B 108 -3.74 -5.75 -21.70
CA VAL B 108 -3.03 -4.57 -21.23
C VAL B 108 -2.30 -3.93 -22.38
N ALA B 109 -2.15 -2.62 -22.33
CA ALA B 109 -1.27 -1.91 -23.27
C ALA B 109 0.13 -1.85 -22.67
N CYS B 110 1.15 -2.10 -23.47
CA CYS B 110 2.53 -2.09 -22.98
C CYS B 110 3.37 -1.03 -23.67
N GLU B 111 4.29 -0.45 -22.90
CA GLU B 111 5.13 0.61 -23.46
C GLU B 111 6.35 0.82 -22.61
N GLY B 112 7.42 1.28 -23.25
CA GLY B 112 8.58 1.79 -22.51
C GLY B 112 9.67 0.74 -22.36
N ASN B 113 10.74 1.14 -21.67
CA ASN B 113 11.86 0.23 -21.39
C ASN B 113 12.17 0.39 -19.92
N PRO B 114 11.90 -0.63 -19.07
CA PRO B 114 11.36 -1.95 -19.40
C PRO B 114 9.98 -1.86 -20.05
N TYR B 115 9.65 -2.84 -20.88
CA TYR B 115 8.39 -2.88 -21.64
C TYR B 115 7.32 -3.49 -20.76
N VAL B 116 6.49 -2.64 -20.16
CA VAL B 116 5.61 -3.04 -19.08
C VAL B 116 4.21 -2.48 -19.30
N PRO B 117 3.22 -2.92 -18.52
CA PRO B 117 1.85 -2.46 -18.76
C PRO B 117 1.68 -1.00 -18.38
N VAL B 118 1.00 -0.25 -19.24
CA VAL B 118 0.72 1.15 -18.96
C VAL B 118 -0.76 1.44 -18.99
N HIS B 119 -1.59 0.44 -19.32
CA HIS B 119 -3.03 0.63 -19.40
CA HIS B 119 -3.03 0.63 -19.39
C HIS B 119 -3.72 -0.72 -19.33
N PHE B 120 -4.84 -0.77 -18.63
CA PHE B 120 -5.66 -1.96 -18.54
C PHE B 120 -6.80 -1.82 -19.55
N ASP B 121 -6.77 -2.63 -20.61
CA ASP B 121 -7.74 -2.47 -21.69
C ASP B 121 -9.03 -3.23 -21.42
N ALA B 122 -8.93 -4.49 -20.98
CA ALA B 122 -10.10 -5.34 -20.82
C ALA B 122 -9.67 -6.61 -20.11
N SER B 123 -10.65 -7.32 -19.53
CA SER B 123 -10.52 -8.72 -19.20
C SER B 123 -11.38 -9.51 -20.18
N VAL B 124 -10.94 -10.71 -20.54
CA VAL B 124 -11.79 -11.50 -21.43
C VAL B 124 -11.95 -12.90 -20.85
C1' U6F C . 13.13 4.11 13.42
C2 U6F C . 11.26 5.54 12.75
C2' U6F C . 12.98 2.81 12.68
C3' U6F C . 14.33 2.50 12.21
C4 U6F C . 11.54 7.39 11.11
C4' U6F C . 15.22 3.08 13.26
C5 U6F C . 13.01 7.05 11.01
C5' U6F C . 16.58 3.37 12.76
C6 U6F C . 13.52 6.03 11.75
N1 U6F C . 12.65 5.21 12.64
N3 U6F C . 10.73 6.62 11.99
O04 U6F C . 18.79 8.05 10.99
O05 U6F C . 17.86 8.72 12.98
O1A U6F C . 18.82 4.72 10.93
O2 U6F C . 10.57 4.88 13.43
O2' U6F C . 12.59 1.77 13.63
O2A U6F C . 17.07 5.71 9.75
O3' U6F C . 14.50 1.08 12.14
O3A U6F C . 17.32 6.37 12.21
O3B U6F C . 16.29 8.52 10.91
O4 U6F C . 11.01 8.29 10.51
O4' U6F C . 14.56 4.37 13.67
O5' U6F C . 16.44 3.95 11.51
P01 U6F C . 16.07 10.15 10.68
P02 U6F C . 17.56 7.93 11.78
PA U6F C . 17.44 5.18 11.08
O01 U6F C . 16.55 10.91 11.85
O02 U6F C . 21.27 12.17 8.73
O02 U6F C . 18.75 12.87 8.48
O03 U6F C . 14.65 10.54 10.69
O06 U6F C . 19.43 10.37 8.84
O06 U6F C . 19.45 10.44 8.73
O07 U6F C . 18.27 12.41 12.91
O07 U6F C . 22.18 14.88 8.90
O08 U6F C . 19.31 14.34 12.16
O08 U6F C . 22.79 13.69 6.99
O09 U6F C . 17.56 13.41 10.98
O09 U6F C . 20.66 14.52 7.19
O1B U6F C . 17.76 8.56 8.10
O1B U6F C . 17.80 8.55 8.15
O1G U6F C . 19.88 12.14 10.88
O1G U6F C . 21.29 12.43 8.67
O2B U6F C . 17.76 10.50 6.90
O2B U6F C . 17.69 10.44 6.88
O2G U6F C . 16.79 10.70 9.28
O3G U6F C . 19.13 12.92 8.52
O3G U6F C . 19.50 12.26 10.53
P08 U6F C . 18.77 13.05 11.70
P08 U6F C . 21.71 13.86 7.96
PB U6F C . 17.93 10.01 8.27
PG U6F C . 19.92 11.92 9.24
PG U6F C . 19.75 12.02 9.10
H1' U6F C . 12.62 4.01 14.24
H8 U6F C . 12.33 2.87 11.96
H9 U6F C . 14.51 2.88 11.34
H4' U6F C . 15.31 2.45 14.00
H7 U6F C . 13.57 7.53 10.45
H5'1 U6F C . 17.03 3.98 13.35
H5'2 U6F C . 17.09 2.55 12.69
H6 U6F C . 14.42 5.83 11.69
H3 U6F C . 9.90 6.81 12.07
H2' U6F C . 12.22 1.12 13.20
H3' U6F C . 13.85 0.74 11.70
C1' U6F D . 14.40 -5.97 7.62
C2 U6F D . 14.37 -4.75 5.39
C2' U6F D . 15.56 -6.71 8.25
C3' U6F D . 14.91 -7.37 9.43
C4 U6F D . 15.32 -2.48 5.36
C4' U6F D . 14.18 -6.22 10.10
C5 U6F D . 15.64 -2.60 6.83
C5' U6F D . 15.08 -5.37 10.93
C6 U6F D . 15.35 -3.72 7.50
N1 U6F D . 14.70 -4.84 6.83
N3 U6F D . 14.71 -3.57 4.65
O04 U6F D . 15.06 -2.07 16.08
O05 U6F D . 13.95 -0.75 14.60
O1A U6F D . 14.68 -2.35 11.16
O2 U6F D . 13.85 -5.66 4.85
O2' U6F D . 16.12 -7.63 7.31
O2A U6F D . 12.98 -2.61 12.55
O3' U6F D . 13.99 -8.39 8.97
O3A U6F D . 15.30 -2.78 13.64
O3B U6F D . 16.50 -0.57 14.63
O4 U6F D . 15.59 -1.44 4.86
O4' U6F D . 13.61 -5.53 8.85
O5' U6F D . 14.36 -4.80 12.01
P01 U6F D . 18.04 -1.09 14.32
P02 U6F D . 15.17 -1.54 14.73
PA U6F D . 14.33 -3.14 12.34
O01 U6F D . 18.85 0.11 14.14
O01 U6F D . 18.19 -2.51 13.85
O02 U6F D . 16.40 -1.37 19.80
O02 U6F D . 18.54 3.71 16.73
O03 U6F D . 18.13 -1.65 12.95
O03 U6F D . 18.75 -1.21 15.59
O06 U6F D . 16.80 -2.49 17.52
O06 U6F D . 17.83 2.09 14.86
O07 U6F D . 14.63 -2.60 21.61
O07 U6F D . 18.19 -0.65 19.16
O08 U6F D . 14.00 -4.76 21.03
O08 U6F D . 16.68 1.09 19.37
O09 U6F D . 12.62 -2.97 20.54
O09 U6F D . 16.38 -0.50 17.70
O1B U6F D . 19.24 -1.92 18.09
O1B U6F D . 20.29 1.44 15.03
O1G U6F D . 14.78 -3.24 19.08
O1G U6F D . 18.34 1.21 17.36
O2B U6F D . 17.96 -0.21 17.29
O2B U6F D . 19.70 2.48 13.11
O2G U6F D . 18.60 -2.01 15.57
O2G U6F D . 18.83 0.05 13.42
O3G U6F D . 14.92 -0.86 18.13
O3G U6F D . 16.46 2.90 16.88
P08 U6F D . 14.02 -3.39 20.54
P08 U6F D . 17.41 0.31 18.38
PB U6F D . 18.17 -1.66 17.13
PB U6F D . 19.18 1.52 14.10
PG U6F D . 15.72 -1.98 18.65
PG U6F D . 17.79 2.48 16.46
H1' U6F D . 13.97 -6.56 6.99
H8 U6F D . 16.31 -6.15 8.54
H9 U6F D . 15.54 -7.79 10.03
H4' U6F D . 13.50 -6.48 10.74
H7 U6F D . 16.06 -1.91 7.27
H5'1 U6F D . 15.80 -5.91 11.29
H5'2 U6F D . 15.45 -4.66 10.38
H6 U6F D . 15.55 -3.77 8.40
H3 U6F D . 14.56 -3.51 3.79
H2' U6F D . 15.88 -7.39 6.53
H3' U6F D . 13.19 -8.10 9.05
C1' U6F E . -10.66 0.84 -16.58
C2 U6F E . -10.78 -1.51 -15.96
C2' U6F E . -9.61 1.30 -17.55
C3' U6F E . -9.65 2.75 -17.36
C4 U6F E . -12.09 -3.09 -17.37
C4' U6F E . -11.07 3.13 -17.14
C5 U6F E . -12.46 -1.94 -18.30
C5' U6F E . -11.70 3.61 -18.40
C6 U6F E . -12.00 -0.70 -18.05
N1 U6F E . -11.14 -0.44 -16.86
N3 U6F E . -11.28 -2.81 -16.24
O04 U6F E . -8.52 5.61 -22.16
O05 U6F E . -10.76 5.92 -22.21
O1A U6F E . -11.40 1.75 -21.77
O2 U6F E . -10.09 -1.31 -15.02
O2' U6F E . -8.33 0.79 -17.22
O2A U6F E . -12.55 3.69 -21.44
O3' U6F E . -8.90 3.05 -16.16
O3A U6F E . -9.94 3.72 -21.13
O3B U6F E . -9.73 6.14 -19.91
O4 U6F E . -12.47 -4.19 -17.57
O4' U6F E . -11.75 1.89 -16.67
O5' U6F E . -11.65 2.57 -19.33
P01 U6F E . -8.70 6.27 -18.61
P02 U6F E . -9.72 5.34 -21.36
PA U6F E . -11.40 2.95 -20.93
O01 U6F E . -9.23 5.65 -17.38
O01 U6F E . -8.50 7.66 -18.23
O02 U6F E . -5.71 9.65 -16.77
O02 U6F E . -4.39 6.85 -19.09
O03 U6F E . -8.88 7.68 -18.28
O03 U6F E . -9.42 5.77 -17.44
O06 U6F E . -5.88 7.05 -16.81
O06 U6F E . -4.75 4.88 -17.46
O07 U6F E . -9.59 7.99 -14.13
O07 U6F E . -2.15 4.11 -21.99
O08 U6F E . -7.93 6.49 -14.68
O08 U6F E . -0.76 4.89 -20.32
O09 U6F E . -7.42 8.42 -13.53
O09 U6F E . -2.23 6.32 -21.38
O1B U6F E . -6.41 4.51 -16.86
O1B U6F E . -6.93 5.06 -16.17
O1G U6F E . -7.97 8.69 -16.09
O1G U6F E . -3.28 4.62 -19.70
O2B U6F E . -4.78 5.13 -18.21
O2B U6F E . -6.67 3.25 -17.48
O2G U6F E . -7.13 5.86 -18.93
O2G U6F E . -7.24 5.47 -18.72
O3G U6F E . -6.83 8.80 -18.46
O3G U6F E . -2.59 6.26 -17.85
P08 U6F E . -8.23 7.92 -14.64
P08 U6F E . -2.12 4.98 -20.83
PB U6F E . -6.05 5.65 -17.70
PB U6F E . -6.41 4.69 -17.48
PG U6F E . -6.61 8.53 -17.04
PG U6F E . -3.74 5.68 -18.52
H1' U6F E . -10.30 0.79 -15.68
H8 U6F E . -9.80 1.02 -18.45
H9 U6F E . -9.28 3.23 -18.13
H4' U6F E . -11.13 3.85 -16.48
H7 U6F E . -13.00 -2.10 -19.04
H5'1 U6F E . -11.20 4.38 -18.74
H5'2 U6F E . -12.62 3.86 -18.23
H6 U6F E . -12.22 0.00 -18.62
H3 U6F E . -11.09 -3.46 -15.70
H2' U6F E . -8.42 0.12 -16.70
H3' U6F E . -8.22 2.53 -16.12
#